data_9KPI
#
_entry.id   9KPI
#
_cell.length_a   91.507
_cell.length_b   91.507
_cell.length_c   242.802
_cell.angle_alpha   90.000
_cell.angle_beta   90.000
_cell.angle_gamma   120.000
#
_symmetry.space_group_name_H-M   'P 65 2 2'
#
loop_
_entity.id
_entity.type
_entity.pdbx_description
1 polymer 'Bifunctional epoxide hydrolase 2'
2 non-polymer 1-[1-[2-(3,5-dimethoxyphenyl)ethanoyl]piperidin-4-yl]-3-[[4-(trifluoromethyloxy)phenyl]methyl]urea
3 non-polymer 'MAGNESIUM ION'
4 non-polymer 'PHOSPHATE ION'
5 water water
#
_entity_poly.entity_id   1
_entity_poly.type   'polypeptide(L)'
_entity_poly.pdbx_seq_one_letter_code
;MTLRAAVFDLDGVLALPAVFGVLGRTEEALALPRGLLNDAFQKGGPEGATTRLMKGEITLSQWIPLMEENCRKCSETAKV
CLPKNFSIKEIFDKAISARKINRPMLQAALMLRKKGFTTAILTNTWLDDRAERDGLAQLMCELKMHFDFLIESCQVGMVK
PEPQIYKFLLDTLKASPSEVVFLDDIGANLKPARDLGMVTILVQDTDTALKELEKVTGIQLLNTPAPLPTSCNPSDMSHG
YVTVKPRVRLHFVELGSGPAVCLCHGFPESWYSWRYQIPALAQAGYRVLAMDMKGYGESSAPPEIEEYCMEVLCKEMVTF
LDKLGLSQAVFIGHDWGGMLVWYMALFYPERVRAVASLNTPFIPANPNMSPLESIKANPVFDYQLYFQEPGVAEAELEQN
LSRTFKSLFRASDESVLSMHKVCEAGGLFVNSPEEPSLSRMVTEEEIQFYVQQFKKSGFRGPLNWYRNMERNWKWACKSL
GRKILIPALMVTAEKDFVLVPQMSQHMEDWIPHLKRGHIEDCGHWTQMDKPTEVNQILIKWLDSDARNPPVVSKM
;
_entity_poly.pdbx_strand_id   A
#
# COMPACT_ATOMS: atom_id res chain seq x y z
N MET A 1 -3.15 -34.96 -4.26
CA MET A 1 -4.00 -34.96 -5.44
C MET A 1 -4.55 -33.57 -5.65
N THR A 2 -5.22 -33.03 -4.63
CA THR A 2 -5.68 -31.64 -4.71
C THR A 2 -4.48 -30.71 -4.69
N LEU A 3 -4.44 -29.78 -5.63
CA LEU A 3 -3.35 -28.83 -5.69
C LEU A 3 -3.30 -28.02 -4.41
N ARG A 4 -2.09 -27.74 -3.95
CA ARG A 4 -1.86 -26.95 -2.76
C ARG A 4 -0.78 -25.89 -2.94
N ALA A 5 -0.06 -25.89 -4.07
CA ALA A 5 0.98 -24.91 -4.34
C ALA A 5 0.89 -24.46 -5.80
N ALA A 6 1.28 -23.21 -6.05
CA ALA A 6 1.29 -22.63 -7.38
C ALA A 6 2.63 -21.95 -7.61
N VAL A 7 3.30 -22.31 -8.70
CA VAL A 7 4.61 -21.79 -9.05
C VAL A 7 4.49 -20.99 -10.34
N PHE A 8 4.99 -19.76 -10.33
CA PHE A 8 4.88 -18.85 -11.48
C PHE A 8 6.28 -18.52 -12.01
N ASP A 9 6.48 -18.77 -13.29
CA ASP A 9 7.58 -18.13 -14.01
C ASP A 9 7.40 -16.61 -13.98
N LEU A 10 8.50 -15.87 -14.06
CA LEU A 10 8.43 -14.41 -14.06
C LEU A 10 8.33 -13.87 -15.48
N ASP A 11 9.41 -13.99 -16.25
CA ASP A 11 9.44 -13.45 -17.60
C ASP A 11 8.44 -14.18 -18.49
N GLY A 12 7.52 -13.44 -19.09
CA GLY A 12 6.49 -14.00 -19.93
C GLY A 12 5.24 -14.48 -19.21
N VAL A 13 5.21 -14.42 -17.88
CA VAL A 13 4.05 -14.89 -17.12
C VAL A 13 3.59 -13.81 -16.16
N LEU A 14 4.37 -13.58 -15.10
CA LEU A 14 4.09 -12.48 -14.18
C LEU A 14 4.54 -11.12 -14.73
N ALA A 15 5.40 -11.10 -15.73
CA ALA A 15 5.97 -9.85 -16.22
C ALA A 15 5.94 -9.86 -17.75
N LEU A 16 5.26 -8.88 -18.34
CA LEU A 16 5.10 -8.79 -19.78
C LEU A 16 5.55 -7.44 -20.31
N PRO A 17 6.03 -7.38 -21.55
CA PRO A 17 6.22 -8.50 -22.50
C PRO A 17 7.47 -9.24 -22.12
N ALA A 18 7.63 -10.50 -22.54
CA ALA A 18 8.85 -11.23 -22.22
C ALA A 18 10.03 -10.63 -22.97
N VAL A 19 11.22 -10.84 -22.42
CA VAL A 19 12.42 -10.28 -23.02
C VAL A 19 12.60 -10.82 -24.44
N PHE A 20 12.33 -12.11 -24.65
CA PHE A 20 12.43 -12.69 -25.98
C PHE A 20 11.54 -11.97 -26.98
N GLY A 21 10.34 -11.57 -26.54
CA GLY A 21 9.43 -10.87 -27.44
C GLY A 21 9.98 -9.52 -27.88
N VAL A 22 10.62 -8.79 -26.97
CA VAL A 22 11.23 -7.52 -27.34
C VAL A 22 12.42 -7.75 -28.27
N LEU A 23 13.31 -8.67 -27.89
CA LEU A 23 14.44 -9.00 -28.75
C LEU A 23 13.99 -9.45 -30.13
N GLY A 24 12.94 -10.28 -30.20
CA GLY A 24 12.38 -10.63 -31.50
C GLY A 24 12.08 -9.40 -32.33
N ARG A 25 11.43 -8.41 -31.73
CA ARG A 25 11.13 -7.18 -32.46
C ARG A 25 12.42 -6.44 -32.81
N THR A 26 13.37 -6.42 -31.88
CA THR A 26 14.65 -5.78 -32.15
C THR A 26 15.31 -6.38 -33.38
N GLU A 27 15.26 -7.71 -33.51
CA GLU A 27 15.78 -8.37 -34.71
C GLU A 27 15.15 -7.78 -35.97
N GLU A 28 13.81 -7.75 -36.02
CA GLU A 28 13.12 -7.16 -37.16
C GLU A 28 13.52 -5.69 -37.34
N ALA A 29 13.28 -4.88 -36.31
CA ALA A 29 13.57 -3.46 -36.36
C ALA A 29 14.93 -3.19 -37.00
N LEU A 30 15.94 -4.00 -36.66
CA LEU A 30 17.30 -3.80 -37.14
C LEU A 30 17.63 -4.62 -38.37
N ALA A 31 16.65 -5.31 -38.95
CA ALA A 31 16.84 -6.06 -40.19
C ALA A 31 17.88 -7.18 -40.04
N LEU A 32 17.94 -7.81 -38.81
CA LEU A 32 18.82 -8.95 -38.61
C LEU A 32 18.10 -10.25 -38.99
N PRO A 33 18.87 -11.28 -39.37
CA PRO A 33 18.26 -12.61 -39.56
C PRO A 33 17.40 -13.00 -38.38
N ARG A 34 16.26 -13.63 -38.68
CA ARG A 34 15.37 -14.09 -37.63
C ARG A 34 16.11 -15.04 -36.69
N GLY A 35 15.96 -14.82 -35.39
CA GLY A 35 16.55 -15.69 -34.39
C GLY A 35 18.01 -15.49 -34.10
N LEU A 36 18.71 -14.61 -34.81
CA LEU A 36 20.13 -14.45 -34.56
C LEU A 36 20.41 -14.03 -33.12
N LEU A 37 19.63 -13.08 -32.60
CA LEU A 37 19.80 -12.66 -31.21
C LEU A 37 19.58 -13.84 -30.26
N ASN A 38 18.52 -14.61 -30.47
CA ASN A 38 18.28 -15.76 -29.60
C ASN A 38 19.39 -16.79 -29.74
N ASP A 39 19.93 -16.97 -30.95
CA ASP A 39 21.07 -17.86 -31.12
C ASP A 39 22.24 -17.41 -30.27
N ALA A 40 22.65 -16.15 -30.44
CA ALA A 40 23.74 -15.61 -29.63
C ALA A 40 23.44 -15.76 -28.15
N PHE A 41 22.21 -15.47 -27.74
CA PHE A 41 21.85 -15.59 -26.33
C PHE A 41 22.10 -17.00 -25.81
N GLN A 42 21.84 -18.01 -26.63
CA GLN A 42 21.91 -19.39 -26.16
C GLN A 42 23.21 -20.11 -26.52
N LYS A 43 24.10 -19.50 -27.32
CA LYS A 43 25.30 -20.21 -27.78
C LYS A 43 26.00 -20.89 -26.60
N GLY A 44 26.44 -22.12 -26.82
CA GLY A 44 27.15 -22.88 -25.83
C GLY A 44 26.26 -23.73 -24.94
N GLY A 45 24.96 -23.45 -24.91
CA GLY A 45 24.07 -24.19 -24.06
C GLY A 45 24.53 -24.19 -22.61
N PRO A 46 24.37 -25.32 -21.94
CA PRO A 46 24.78 -25.44 -20.54
C PRO A 46 26.15 -24.86 -20.24
N GLU A 47 27.07 -24.82 -21.20
CA GLU A 47 28.42 -24.34 -20.94
C GLU A 47 28.66 -22.92 -21.47
N GLY A 48 27.64 -22.28 -22.03
CA GLY A 48 27.82 -20.97 -22.64
C GLY A 48 27.73 -19.83 -21.65
N ALA A 49 27.86 -18.61 -22.19
CA ALA A 49 27.90 -17.42 -21.35
C ALA A 49 26.58 -17.24 -20.60
N THR A 50 25.46 -17.45 -21.27
CA THR A 50 24.18 -17.13 -20.65
C THR A 50 23.86 -18.08 -19.51
N THR A 51 24.25 -19.34 -19.60
CA THR A 51 24.03 -20.24 -18.47
C THR A 51 24.91 -19.86 -17.29
N ARG A 52 26.14 -19.42 -17.53
CA ARG A 52 26.98 -18.91 -16.45
C ARG A 52 26.34 -17.70 -15.79
N LEU A 53 25.79 -16.80 -16.61
CA LEU A 53 25.09 -15.64 -16.08
C LEU A 53 23.88 -16.07 -15.26
N MET A 54 23.07 -16.99 -15.80
CA MET A 54 21.86 -17.38 -15.10
C MET A 54 22.16 -18.14 -13.80
N LYS A 55 23.33 -18.74 -13.69
CA LYS A 55 23.71 -19.45 -12.46
C LYS A 55 24.43 -18.57 -11.47
N GLY A 56 24.65 -17.29 -11.78
CA GLY A 56 25.32 -16.39 -10.87
C GLY A 56 26.83 -16.45 -10.92
N GLU A 57 27.41 -17.15 -11.90
CA GLU A 57 28.86 -17.24 -11.97
C GLU A 57 29.47 -15.89 -12.36
N ILE A 58 28.74 -15.10 -13.14
CA ILE A 58 29.17 -13.79 -13.59
C ILE A 58 28.00 -12.84 -13.48
N THR A 59 28.29 -11.55 -13.57
CA THR A 59 27.23 -10.54 -13.53
C THR A 59 26.77 -10.17 -14.93
N LEU A 60 25.63 -9.49 -14.99
CA LEU A 60 25.10 -9.06 -16.28
C LEU A 60 26.13 -8.22 -17.04
N SER A 61 26.79 -7.29 -16.35
CA SER A 61 27.79 -6.45 -17.01
C SER A 61 28.94 -7.27 -17.55
N GLN A 62 29.41 -8.25 -16.78
CA GLN A 62 30.42 -9.15 -17.32
C GLN A 62 29.89 -9.92 -18.52
N TRP A 63 28.58 -10.12 -18.60
CA TRP A 63 28.03 -11.00 -19.62
C TRP A 63 27.82 -10.29 -20.96
N ILE A 64 27.59 -8.98 -20.93
CA ILE A 64 27.39 -8.23 -22.17
C ILE A 64 28.51 -8.42 -23.19
N PRO A 65 29.78 -8.21 -22.84
CA PRO A 65 30.86 -8.51 -23.81
C PRO A 65 30.79 -9.89 -24.39
N LEU A 66 30.49 -10.90 -23.57
CA LEU A 66 30.39 -12.26 -24.08
C LEU A 66 29.21 -12.38 -25.05
N MET A 67 28.06 -11.82 -24.68
CA MET A 67 26.92 -11.74 -25.59
C MET A 67 27.30 -11.04 -26.90
N GLU A 68 28.02 -9.93 -26.79
CA GLU A 68 28.50 -9.20 -27.97
C GLU A 68 29.33 -10.12 -28.86
N GLU A 69 30.26 -10.87 -28.26
CA GLU A 69 31.08 -11.76 -29.08
C GLU A 69 30.24 -12.88 -29.68
N ASN A 70 29.21 -13.34 -28.98
CA ASN A 70 28.32 -14.34 -29.57
C ASN A 70 27.58 -13.77 -30.77
N CYS A 71 27.19 -12.50 -30.69
CA CYS A 71 26.45 -11.88 -31.78
C CYS A 71 27.34 -11.71 -33.00
N ARG A 72 28.56 -11.19 -32.81
CA ARG A 72 29.53 -11.19 -33.89
C ARG A 72 29.73 -12.59 -34.46
N LYS A 73 29.96 -13.57 -33.59
CA LYS A 73 30.19 -14.93 -34.08
C LYS A 73 28.99 -15.42 -34.89
N CYS A 74 27.77 -15.10 -34.43
CA CYS A 74 26.57 -15.56 -35.12
C CYS A 74 26.37 -14.85 -36.45
N SER A 75 26.57 -13.53 -36.48
CA SER A 75 26.43 -12.81 -37.74
C SER A 75 27.45 -13.27 -38.76
N GLU A 76 28.65 -13.66 -38.31
CA GLU A 76 29.68 -14.11 -39.22
C GLU A 76 29.29 -15.43 -39.89
N THR A 77 28.86 -16.41 -39.10
CA THR A 77 28.38 -17.66 -39.67
C THR A 77 27.17 -17.44 -40.58
N ALA A 78 26.37 -16.41 -40.31
CA ALA A 78 25.19 -16.10 -41.10
C ALA A 78 25.52 -15.21 -42.30
N LYS A 79 26.79 -14.86 -42.49
CA LYS A 79 27.22 -13.98 -43.57
C LYS A 79 26.36 -12.72 -43.63
N VAL A 80 26.17 -12.10 -42.47
CA VAL A 80 25.53 -10.78 -42.38
C VAL A 80 26.42 -9.90 -41.51
N CYS A 81 26.18 -8.59 -41.61
CA CYS A 81 26.93 -7.61 -40.84
C CYS A 81 26.01 -6.96 -39.81
N LEU A 82 26.45 -6.95 -38.56
CA LEU A 82 25.71 -6.23 -37.53
C LEU A 82 25.75 -4.74 -37.82
N PRO A 83 24.67 -4.02 -37.51
CA PRO A 83 24.66 -2.56 -37.73
C PRO A 83 25.78 -1.87 -36.99
N LYS A 84 26.09 -0.64 -37.46
CA LYS A 84 27.07 0.18 -36.76
C LYS A 84 26.60 0.54 -35.37
N ASN A 85 25.29 0.72 -35.18
CA ASN A 85 24.72 1.13 -33.91
C ASN A 85 24.60 0.00 -32.90
N PHE A 86 25.06 -1.21 -33.24
CA PHE A 86 24.73 -2.39 -32.46
C PHE A 86 25.28 -2.30 -31.03
N SER A 87 24.37 -2.39 -30.05
CA SER A 87 24.76 -2.38 -28.64
C SER A 87 23.86 -3.37 -27.89
N ILE A 88 24.46 -4.44 -27.39
CA ILE A 88 23.70 -5.36 -26.55
C ILE A 88 23.22 -4.65 -25.30
N LYS A 89 24.07 -3.79 -24.72
CA LYS A 89 23.69 -3.06 -23.52
C LYS A 89 22.39 -2.28 -23.74
N GLU A 90 22.31 -1.53 -24.83
CA GLU A 90 21.11 -0.74 -25.11
C GLU A 90 19.91 -1.64 -25.39
N ILE A 91 20.11 -2.71 -26.17
CA ILE A 91 18.99 -3.61 -26.50
C ILE A 91 18.39 -4.18 -25.22
N PHE A 92 19.23 -4.63 -24.29
CA PHE A 92 18.67 -5.25 -23.10
C PHE A 92 18.13 -4.22 -22.11
N ASP A 93 18.79 -3.07 -22.00
CA ASP A 93 18.23 -1.97 -21.21
C ASP A 93 16.79 -1.72 -21.62
N LYS A 94 16.56 -1.54 -22.93
CA LYS A 94 15.22 -1.32 -23.44
C LYS A 94 14.28 -2.45 -23.03
N ALA A 95 14.64 -3.68 -23.41
CA ALA A 95 13.80 -4.84 -23.13
C ALA A 95 13.47 -4.93 -21.65
N ILE A 96 14.49 -4.84 -20.79
CA ILE A 96 14.22 -4.92 -19.35
C ILE A 96 13.27 -3.81 -18.92
N SER A 97 13.48 -2.59 -19.43
CA SER A 97 12.68 -1.46 -18.98
C SER A 97 11.24 -1.53 -19.47
N ALA A 98 11.00 -2.18 -20.60
CA ALA A 98 9.63 -2.27 -21.12
C ALA A 98 8.77 -3.26 -20.35
N ARG A 99 9.34 -4.00 -19.40
CA ARG A 99 8.64 -5.11 -18.77
C ARG A 99 7.76 -4.62 -17.62
N LYS A 100 6.46 -4.87 -17.71
CA LYS A 100 5.52 -4.50 -16.66
C LYS A 100 4.95 -5.76 -16.02
N ILE A 101 4.45 -5.62 -14.80
CA ILE A 101 3.76 -6.72 -14.15
C ILE A 101 2.53 -7.09 -14.95
N ASN A 102 2.32 -8.38 -15.14
CA ASN A 102 1.09 -8.89 -15.76
C ASN A 102 0.05 -8.93 -14.66
N ARG A 103 -0.72 -7.84 -14.54
CA ARG A 103 -1.65 -7.72 -13.42
C ARG A 103 -2.67 -8.83 -13.33
N PRO A 104 -3.33 -9.27 -14.41
CA PRO A 104 -4.25 -10.41 -14.26
C PRO A 104 -3.56 -11.65 -13.72
N MET A 105 -2.27 -11.83 -14.03
CA MET A 105 -1.56 -13.01 -13.54
C MET A 105 -1.25 -12.86 -12.06
N LEU A 106 -0.68 -11.70 -11.67
CA LEU A 106 -0.40 -11.47 -10.25
C LEU A 106 -1.65 -11.62 -9.41
N GLN A 107 -2.78 -11.08 -9.87
CA GLN A 107 -3.99 -11.12 -9.07
C GLN A 107 -4.55 -12.55 -8.96
N ALA A 108 -4.30 -13.40 -9.95
CA ALA A 108 -4.63 -14.81 -9.78
C ALA A 108 -3.71 -15.48 -8.76
N ALA A 109 -2.41 -15.18 -8.81
CA ALA A 109 -1.53 -15.70 -7.77
C ALA A 109 -2.00 -15.27 -6.40
N LEU A 110 -2.42 -14.00 -6.28
CA LEU A 110 -2.92 -13.49 -5.01
C LEU A 110 -4.18 -14.20 -4.58
N MET A 111 -5.11 -14.39 -5.52
CA MET A 111 -6.33 -15.11 -5.18
C MET A 111 -6.00 -16.54 -4.73
N LEU A 112 -5.03 -17.19 -5.38
CA LEU A 112 -4.67 -18.55 -4.99
C LEU A 112 -4.10 -18.60 -3.58
N ARG A 113 -3.27 -17.62 -3.23
CA ARG A 113 -2.72 -17.58 -1.88
C ARG A 113 -3.79 -17.25 -0.85
N LYS A 114 -4.74 -16.39 -1.22
CA LYS A 114 -5.86 -16.10 -0.34
C LYS A 114 -6.63 -17.36 0.02
N LYS A 115 -6.74 -18.29 -0.92
CA LYS A 115 -7.48 -19.53 -0.70
C LYS A 115 -6.61 -20.62 -0.11
N GLY A 116 -5.39 -20.31 0.32
CA GLY A 116 -4.57 -21.26 1.04
C GLY A 116 -3.41 -21.87 0.29
N PHE A 117 -3.15 -21.44 -0.94
CA PHE A 117 -2.03 -21.98 -1.70
C PHE A 117 -0.70 -21.37 -1.24
N THR A 118 0.34 -22.21 -1.23
CA THR A 118 1.71 -21.73 -1.21
C THR A 118 2.09 -21.32 -2.61
N THR A 119 2.51 -20.07 -2.78
CA THR A 119 2.85 -19.55 -4.11
C THR A 119 4.34 -19.26 -4.18
N ALA A 120 4.91 -19.44 -5.37
CA ALA A 120 6.33 -19.18 -5.55
C ALA A 120 6.56 -18.64 -6.96
N ILE A 121 7.62 -17.87 -7.08
CA ILE A 121 8.17 -17.45 -8.36
C ILE A 121 9.45 -18.24 -8.59
N LEU A 122 9.52 -18.94 -9.71
CA LEU A 122 10.72 -19.65 -10.14
C LEU A 122 11.19 -19.03 -11.45
N THR A 123 12.33 -18.37 -11.43
CA THR A 123 12.76 -17.64 -12.61
C THR A 123 14.25 -17.84 -12.87
N ASN A 124 14.60 -17.95 -14.14
CA ASN A 124 15.99 -17.80 -14.56
C ASN A 124 16.30 -16.31 -14.63
N THR A 125 17.27 -15.87 -13.85
CA THR A 125 17.56 -14.44 -13.83
C THR A 125 19.04 -14.24 -13.50
N TRP A 126 19.45 -12.98 -13.48
CA TRP A 126 20.87 -12.63 -13.41
C TRP A 126 21.10 -11.69 -12.24
N LEU A 127 22.37 -11.60 -11.85
CA LEU A 127 22.81 -10.56 -10.94
C LEU A 127 22.99 -9.28 -11.76
N ASP A 128 22.14 -8.28 -11.50
CA ASP A 128 22.07 -7.08 -12.31
C ASP A 128 22.91 -5.98 -11.65
N ASP A 129 24.04 -5.65 -12.28
CA ASP A 129 24.90 -4.56 -11.82
C ASP A 129 24.95 -3.42 -12.84
N ARG A 130 23.97 -3.36 -13.75
CA ARG A 130 23.84 -2.22 -14.64
C ARG A 130 23.55 -0.94 -13.84
N ALA A 131 24.00 0.19 -14.37
CA ALA A 131 23.66 1.47 -13.78
C ALA A 131 22.15 1.63 -13.60
N GLU A 132 21.36 1.01 -14.48
CA GLU A 132 19.92 1.11 -14.46
C GLU A 132 19.25 0.02 -13.61
N ARG A 133 20.05 -0.76 -12.88
CA ARG A 133 19.51 -1.93 -12.17
C ARG A 133 18.38 -1.59 -11.21
N ASP A 134 18.21 -0.33 -10.79
CA ASP A 134 17.15 -0.05 -9.82
C ASP A 134 15.77 -0.38 -10.38
N GLY A 135 15.57 -0.15 -11.68
CA GLY A 135 14.27 -0.46 -12.26
C GLY A 135 13.85 -1.91 -12.03
N LEU A 136 14.75 -2.85 -12.33
CA LEU A 136 14.41 -4.25 -12.14
C LEU A 136 14.20 -4.57 -10.67
N ALA A 137 15.06 -4.03 -9.80
CA ALA A 137 14.90 -4.24 -8.36
C ALA A 137 13.51 -3.83 -7.90
N GLN A 138 13.05 -2.65 -8.31
CA GLN A 138 11.71 -2.21 -7.91
C GLN A 138 10.66 -3.20 -8.37
N LEU A 139 10.80 -3.70 -9.59
CA LEU A 139 9.84 -4.68 -10.11
C LEU A 139 9.82 -5.94 -9.24
N MET A 140 10.99 -6.45 -8.86
CA MET A 140 11.02 -7.68 -8.06
C MET A 140 10.43 -7.47 -6.67
N CYS A 141 10.72 -6.34 -6.03
CA CYS A 141 10.15 -6.05 -4.72
C CYS A 141 8.63 -6.06 -4.76
N GLU A 142 8.07 -5.38 -5.76
CA GLU A 142 6.62 -5.28 -5.91
C GLU A 142 5.98 -6.62 -6.15
N LEU A 143 6.65 -7.51 -6.89
CA LEU A 143 6.15 -8.86 -7.06
C LEU A 143 6.48 -9.72 -5.85
N LYS A 144 7.76 -9.73 -5.46
CA LYS A 144 8.25 -10.52 -4.33
C LYS A 144 7.29 -10.53 -3.15
N MET A 145 6.80 -9.36 -2.75
CA MET A 145 6.00 -9.22 -1.54
C MET A 145 4.71 -10.04 -1.59
N HIS A 146 4.28 -10.49 -2.76
CA HIS A 146 2.99 -11.18 -2.83
C HIS A 146 3.12 -12.69 -2.84
N PHE A 147 4.33 -13.22 -2.68
CA PHE A 147 4.57 -14.64 -2.87
C PHE A 147 5.27 -15.22 -1.65
N ASP A 148 5.10 -16.53 -1.45
CA ASP A 148 5.78 -17.19 -0.33
C ASP A 148 7.26 -17.34 -0.61
N PHE A 149 7.62 -17.63 -1.86
CA PHE A 149 9.02 -17.84 -2.19
C PHE A 149 9.35 -17.23 -3.53
N LEU A 150 10.53 -16.63 -3.59
CA LEU A 150 11.15 -16.19 -4.83
C LEU A 150 12.41 -17.03 -5.01
N ILE A 151 12.43 -17.84 -6.07
CA ILE A 151 13.59 -18.68 -6.35
C ILE A 151 14.21 -18.16 -7.64
N GLU A 152 15.44 -17.68 -7.53
CA GLU A 152 16.16 -17.07 -8.65
C GLU A 152 17.35 -17.95 -9.00
N SER A 153 17.43 -18.35 -10.27
CA SER A 153 18.51 -19.23 -10.70
C SER A 153 19.87 -18.72 -10.19
N CYS A 154 20.09 -17.41 -10.23
CA CYS A 154 21.42 -16.88 -9.96
C CYS A 154 21.74 -16.87 -8.47
N GLN A 155 20.74 -16.94 -7.60
CA GLN A 155 21.00 -17.11 -6.18
C GLN A 155 21.16 -18.58 -5.79
N VAL A 156 20.54 -19.51 -6.52
CA VAL A 156 20.64 -20.93 -6.15
C VAL A 156 21.64 -21.69 -7.01
N GLY A 157 22.26 -21.04 -8.00
CA GLY A 157 23.24 -21.73 -8.82
C GLY A 157 22.68 -22.82 -9.70
N MET A 158 21.38 -22.78 -10.01
CA MET A 158 20.74 -23.77 -10.85
C MET A 158 19.79 -23.04 -11.78
N VAL A 159 19.54 -23.61 -12.95
CA VAL A 159 18.70 -22.96 -13.95
C VAL A 159 17.61 -23.93 -14.38
N LYS A 160 16.44 -23.38 -14.66
CA LYS A 160 15.51 -24.10 -15.52
C LYS A 160 16.18 -24.29 -16.87
N PRO A 161 16.04 -25.48 -17.49
CA PRO A 161 15.22 -26.62 -17.10
C PRO A 161 15.97 -27.77 -16.43
N GLU A 162 17.09 -27.53 -15.76
CA GLU A 162 17.81 -28.60 -15.08
C GLU A 162 16.92 -29.25 -14.03
N PRO A 163 16.79 -30.57 -14.01
CA PRO A 163 15.90 -31.21 -13.03
C PRO A 163 16.22 -30.85 -11.59
N GLN A 164 17.48 -30.51 -11.27
CA GLN A 164 17.84 -30.21 -9.90
C GLN A 164 17.04 -29.04 -9.34
N ILE A 165 16.74 -28.03 -10.17
CA ILE A 165 16.07 -26.85 -9.63
C ILE A 165 14.61 -27.16 -9.27
N TYR A 166 13.97 -28.10 -9.96
CA TYR A 166 12.60 -28.47 -9.60
C TYR A 166 12.54 -29.31 -8.34
N LYS A 167 13.58 -30.11 -8.08
CA LYS A 167 13.68 -30.79 -6.80
C LYS A 167 13.94 -29.78 -5.68
N PHE A 168 14.75 -28.76 -5.95
CA PHE A 168 14.92 -27.68 -5.00
C PHE A 168 13.62 -26.94 -4.76
N LEU A 169 12.90 -26.61 -5.82
CA LEU A 169 11.58 -26.00 -5.69
C LEU A 169 10.67 -26.86 -4.80
N LEU A 170 10.56 -28.15 -5.10
CA LEU A 170 9.65 -29.00 -4.35
C LEU A 170 10.01 -29.05 -2.88
N ASP A 171 11.31 -29.09 -2.56
CA ASP A 171 11.72 -29.10 -1.16
C ASP A 171 11.45 -27.75 -0.50
N THR A 172 11.67 -26.65 -1.23
CA THR A 172 11.31 -25.34 -0.69
C THR A 172 9.82 -25.25 -0.40
N LEU A 173 8.98 -25.79 -1.30
CA LEU A 173 7.54 -25.73 -1.12
C LEU A 173 7.02 -26.71 -0.08
N LYS A 174 7.84 -27.66 0.40
CA LYS A 174 7.40 -28.70 1.31
C LYS A 174 6.15 -29.42 0.79
N ALA A 175 6.14 -29.69 -0.52
CA ALA A 175 4.98 -30.29 -1.16
C ALA A 175 5.44 -31.36 -2.13
N SER A 176 4.49 -32.25 -2.50
CA SER A 176 4.85 -33.29 -3.46
C SER A 176 4.40 -32.91 -4.88
N PRO A 177 5.09 -33.44 -5.88
CA PRO A 177 4.88 -32.99 -7.28
C PRO A 177 3.42 -32.82 -7.66
N SER A 178 2.59 -33.84 -7.43
CA SER A 178 1.20 -33.77 -7.84
C SER A 178 0.39 -32.73 -7.09
N GLU A 179 0.92 -32.14 -6.02
CA GLU A 179 0.25 -31.06 -5.30
C GLU A 179 0.53 -29.67 -5.87
N VAL A 180 1.40 -29.56 -6.89
CA VAL A 180 1.89 -28.27 -7.36
C VAL A 180 1.50 -28.07 -8.81
N VAL A 181 1.06 -26.84 -9.12
CA VAL A 181 0.86 -26.41 -10.49
C VAL A 181 1.95 -25.39 -10.82
N PHE A 182 2.56 -25.54 -11.99
CA PHE A 182 3.68 -24.72 -12.42
C PHE A 182 3.33 -24.10 -13.76
N LEU A 183 3.46 -22.78 -13.86
CA LEU A 183 3.12 -22.03 -15.05
C LEU A 183 4.38 -21.42 -15.64
N ASP A 184 4.64 -21.71 -16.92
CA ASP A 184 5.80 -21.17 -17.61
C ASP A 184 5.45 -20.94 -19.07
N ASP A 185 6.13 -19.98 -19.69
CA ASP A 185 5.88 -19.67 -21.10
C ASP A 185 6.82 -20.42 -22.05
N ILE A 186 7.63 -21.36 -21.55
CA ILE A 186 8.59 -22.09 -22.36
C ILE A 186 8.38 -23.56 -22.07
N GLY A 187 7.95 -24.32 -23.09
CA GLY A 187 7.60 -25.71 -22.86
C GLY A 187 8.78 -26.53 -22.36
N ALA A 188 9.97 -26.23 -22.85
CA ALA A 188 11.17 -26.89 -22.33
C ALA A 188 11.22 -26.82 -20.80
N ASN A 189 10.76 -25.72 -20.21
CA ASN A 189 10.76 -25.61 -18.75
C ASN A 189 9.69 -26.46 -18.09
N LEU A 190 8.61 -26.80 -18.81
CA LEU A 190 7.56 -27.62 -18.23
C LEU A 190 7.89 -29.11 -18.23
N LYS A 191 8.61 -29.59 -19.24
CA LYS A 191 8.94 -31.00 -19.35
C LYS A 191 9.46 -31.62 -18.06
N PRO A 192 10.51 -31.09 -17.42
CA PRO A 192 10.98 -31.71 -16.17
C PRO A 192 9.94 -31.68 -15.06
N ALA A 193 9.24 -30.56 -14.90
CA ALA A 193 8.16 -30.50 -13.91
C ALA A 193 7.12 -31.56 -14.19
N ARG A 194 6.74 -31.71 -15.47
CA ARG A 194 5.77 -32.72 -15.86
C ARG A 194 6.28 -34.11 -15.49
N ASP A 195 7.55 -34.39 -15.80
CA ASP A 195 8.20 -35.64 -15.41
C ASP A 195 7.95 -35.96 -13.94
N LEU A 196 8.20 -34.99 -13.05
CA LEU A 196 7.98 -35.25 -11.63
C LEU A 196 6.52 -35.50 -11.31
N GLY A 197 5.61 -35.14 -12.21
CA GLY A 197 4.19 -35.32 -11.99
C GLY A 197 3.44 -34.09 -11.57
N MET A 198 4.02 -32.90 -11.67
CA MET A 198 3.25 -31.72 -11.31
C MET A 198 2.45 -31.22 -12.51
N VAL A 199 1.30 -30.61 -12.19
CA VAL A 199 0.48 -29.98 -13.22
C VAL A 199 1.27 -28.83 -13.83
N THR A 200 1.23 -28.74 -15.15
CA THR A 200 1.92 -27.68 -15.86
C THR A 200 0.91 -26.97 -16.76
N ILE A 201 1.12 -25.66 -16.90
CA ILE A 201 0.35 -24.85 -17.83
C ILE A 201 1.35 -24.08 -18.67
N LEU A 202 1.31 -24.28 -19.98
CA LEU A 202 2.15 -23.50 -20.89
C LEU A 202 1.44 -22.18 -21.13
N VAL A 203 2.07 -21.08 -20.73
CA VAL A 203 1.43 -19.77 -20.78
C VAL A 203 1.76 -19.15 -22.13
N GLN A 204 0.81 -19.20 -23.05
CA GLN A 204 0.95 -18.47 -24.30
C GLN A 204 0.27 -17.12 -24.14
N ASP A 205 -1.04 -17.12 -23.99
CA ASP A 205 -1.74 -15.91 -23.61
C ASP A 205 -2.32 -16.07 -22.21
N THR A 206 -2.36 -14.95 -21.49
CA THR A 206 -2.65 -14.97 -20.05
C THR A 206 -4.02 -15.59 -19.76
N ASP A 207 -5.03 -15.21 -20.55
CA ASP A 207 -6.39 -15.62 -20.19
C ASP A 207 -6.61 -17.11 -20.41
N THR A 208 -6.06 -17.66 -21.49
CA THR A 208 -6.13 -19.10 -21.68
C THR A 208 -5.46 -19.83 -20.53
N ALA A 209 -4.26 -19.40 -20.14
CA ALA A 209 -3.56 -20.03 -19.03
C ALA A 209 -4.35 -19.90 -17.73
N LEU A 210 -5.02 -18.76 -17.53
CA LEU A 210 -5.83 -18.59 -16.33
C LEU A 210 -7.06 -19.48 -16.34
N LYS A 211 -7.63 -19.74 -17.52
CA LYS A 211 -8.74 -20.69 -17.58
C LYS A 211 -8.28 -22.08 -17.23
N GLU A 212 -7.11 -22.49 -17.73
CA GLU A 212 -6.57 -23.80 -17.38
C GLU A 212 -6.32 -23.89 -15.88
N LEU A 213 -5.84 -22.81 -15.28
CA LEU A 213 -5.55 -22.80 -13.84
C LEU A 213 -6.83 -22.78 -13.02
N GLU A 214 -7.89 -22.13 -13.53
CA GLU A 214 -9.17 -22.21 -12.85
C GLU A 214 -9.67 -23.64 -12.81
N LYS A 215 -9.51 -24.35 -13.93
CA LYS A 215 -10.01 -25.71 -14.01
C LYS A 215 -9.27 -26.62 -13.04
N VAL A 216 -7.94 -26.54 -13.00
CA VAL A 216 -7.22 -27.53 -12.21
C VAL A 216 -7.31 -27.22 -10.72
N THR A 217 -7.44 -25.95 -10.35
CA THR A 217 -7.51 -25.57 -8.94
C THR A 217 -8.93 -25.58 -8.39
N GLY A 218 -9.94 -25.47 -9.24
CA GLY A 218 -11.29 -25.33 -8.77
C GLY A 218 -11.59 -23.97 -8.19
N ILE A 219 -10.75 -22.97 -8.47
CA ILE A 219 -10.94 -21.62 -7.97
C ILE A 219 -11.15 -20.68 -9.13
N GLN A 220 -12.09 -19.75 -8.99
CA GLN A 220 -12.33 -18.76 -10.03
C GLN A 220 -11.27 -17.67 -9.94
N LEU A 221 -10.44 -17.55 -10.97
CA LEU A 221 -9.38 -16.56 -11.02
C LEU A 221 -9.57 -15.54 -12.12
N LEU A 222 -10.25 -15.90 -13.19
CA LEU A 222 -10.63 -14.97 -14.23
C LEU A 222 -12.00 -14.39 -13.92
N ASN A 223 -12.18 -13.08 -14.16
CA ASN A 223 -13.47 -12.42 -13.98
C ASN A 223 -13.89 -12.32 -12.52
N THR A 224 -12.95 -12.52 -11.61
CA THR A 224 -13.21 -12.28 -10.21
C THR A 224 -13.59 -10.82 -9.99
N PRO A 225 -14.36 -10.51 -8.94
CA PRO A 225 -14.58 -9.11 -8.59
C PRO A 225 -13.25 -8.42 -8.29
N ALA A 226 -13.29 -7.09 -8.39
CA ALA A 226 -12.10 -6.29 -8.15
C ALA A 226 -11.56 -6.55 -6.75
N PRO A 227 -10.27 -6.84 -6.61
CA PRO A 227 -9.71 -7.08 -5.28
C PRO A 227 -9.41 -5.78 -4.55
N LEU A 228 -9.41 -5.86 -3.23
CA LEU A 228 -9.01 -4.73 -2.44
C LEU A 228 -7.54 -4.42 -2.69
N PRO A 229 -7.09 -3.21 -2.41
CA PRO A 229 -5.66 -2.93 -2.50
C PRO A 229 -4.90 -3.76 -1.49
N THR A 230 -3.59 -3.85 -1.69
CA THR A 230 -2.74 -4.57 -0.75
C THR A 230 -2.86 -3.94 0.63
N SER A 231 -3.01 -4.78 1.65
CA SER A 231 -3.11 -4.31 3.01
C SER A 231 -1.77 -4.53 3.72
N CYS A 232 -1.74 -4.22 5.02
CA CYS A 232 -0.50 -4.28 5.82
C CYS A 232 -0.63 -5.40 6.84
N ASN A 233 0.40 -6.23 6.92
CA ASN A 233 0.52 -7.15 8.03
C ASN A 233 1.35 -6.48 9.12
N PRO A 234 0.77 -6.14 10.28
CA PRO A 234 1.51 -5.38 11.29
C PRO A 234 2.91 -5.92 11.61
N SER A 235 3.07 -7.23 11.75
CA SER A 235 4.37 -7.77 12.14
C SER A 235 5.38 -7.75 11.00
N ASP A 236 4.98 -7.37 9.78
CA ASP A 236 5.88 -7.23 8.65
C ASP A 236 6.28 -5.78 8.41
N MET A 237 5.82 -4.85 9.24
CA MET A 237 6.11 -3.44 9.02
C MET A 237 7.35 -3.03 9.81
N SER A 238 8.03 -2.01 9.30
CA SER A 238 9.04 -1.34 10.10
C SER A 238 8.34 -0.42 11.08
N HIS A 239 8.66 -0.57 12.36
CA HIS A 239 8.03 0.22 13.42
C HIS A 239 9.02 1.24 13.96
N GLY A 240 8.59 2.50 14.02
CA GLY A 240 9.45 3.59 14.44
C GLY A 240 8.94 4.25 15.72
N TYR A 241 9.88 4.69 16.54
CA TYR A 241 9.56 5.32 17.82
C TYR A 241 10.39 6.56 17.96
N VAL A 242 9.73 7.69 18.21
CA VAL A 242 10.39 8.96 18.39
C VAL A 242 9.90 9.59 19.69
N THR A 243 10.83 9.87 20.59
CA THR A 243 10.52 10.62 21.80
C THR A 243 10.49 12.11 21.45
N VAL A 244 9.31 12.72 21.56
CA VAL A 244 9.18 14.14 21.21
C VAL A 244 9.31 15.03 22.43
N LYS A 245 9.25 14.46 23.62
CA LYS A 245 9.52 15.16 24.88
C LYS A 245 9.48 14.11 25.98
N PRO A 246 9.94 14.44 27.19
CA PRO A 246 9.95 13.44 28.26
C PRO A 246 8.55 12.89 28.49
N ARG A 247 8.44 11.58 28.57
CA ARG A 247 7.19 10.89 28.82
C ARG A 247 6.33 10.74 27.55
N VAL A 248 6.66 11.39 26.43
CA VAL A 248 5.83 11.30 25.22
C VAL A 248 6.65 10.82 24.05
N ARG A 249 6.39 9.59 23.60
CA ARG A 249 7.00 9.08 22.38
C ARG A 249 5.92 8.74 21.35
N LEU A 250 6.18 9.07 20.10
CA LEU A 250 5.29 8.76 19.01
C LEU A 250 5.75 7.49 18.30
N HIS A 251 4.80 6.61 18.04
CA HIS A 251 5.01 5.41 17.26
C HIS A 251 4.48 5.64 15.84
N PHE A 252 5.14 5.04 14.87
CA PHE A 252 4.71 5.16 13.49
C PHE A 252 5.24 3.97 12.72
N VAL A 253 4.63 3.74 11.59
CA VAL A 253 5.03 2.69 10.67
C VAL A 253 5.58 3.36 9.42
N GLU A 254 6.61 2.77 8.83
CA GLU A 254 7.33 3.40 7.72
C GLU A 254 7.46 2.44 6.56
N LEU A 255 7.11 2.92 5.37
CA LEU A 255 7.29 2.12 4.17
C LEU A 255 7.51 3.04 2.98
N GLY A 256 8.50 2.69 2.15
CA GLY A 256 8.76 3.40 0.90
C GLY A 256 9.87 4.43 1.01
N SER A 257 10.27 4.92 -0.15
CA SER A 257 11.26 5.99 -0.26
C SER A 257 10.69 7.09 -1.13
N GLY A 258 11.22 8.29 -0.95
CA GLY A 258 10.75 9.45 -1.67
C GLY A 258 10.29 10.52 -0.70
N PRO A 259 9.51 11.49 -1.19
CA PRO A 259 9.03 12.54 -0.29
C PRO A 259 8.22 11.94 0.86
N ALA A 260 8.37 12.53 2.04
CA ALA A 260 7.72 11.99 3.23
C ALA A 260 6.25 12.35 3.22
N VAL A 261 5.41 11.33 3.42
CA VAL A 261 3.97 11.47 3.52
C VAL A 261 3.58 10.95 4.89
N CYS A 262 3.12 11.83 5.76
CA CYS A 262 2.71 11.46 7.10
C CYS A 262 1.19 11.31 7.13
N LEU A 263 0.72 10.14 7.53
CA LEU A 263 -0.71 9.83 7.63
C LEU A 263 -1.16 9.96 9.08
N CYS A 264 -2.26 10.70 9.31
CA CYS A 264 -2.75 10.98 10.66
C CYS A 264 -4.20 10.52 10.78
N HIS A 265 -4.43 9.48 11.56
CA HIS A 265 -5.75 8.88 11.65
C HIS A 265 -6.67 9.71 12.55
N GLY A 266 -7.93 9.30 12.63
CA GLY A 266 -8.93 9.95 13.45
C GLY A 266 -9.29 9.13 14.67
N PHE A 267 -10.46 9.46 15.25
CA PHE A 267 -10.98 8.81 16.46
C PHE A 267 -11.96 7.72 16.10
N PRO A 268 -11.86 6.54 16.72
CA PRO A 268 -10.81 6.05 17.60
C PRO A 268 -10.02 5.05 16.78
N GLU A 269 -8.98 5.48 16.08
CA GLU A 269 -8.39 4.60 15.09
C GLU A 269 -6.93 4.32 15.41
N SER A 270 -6.06 4.33 14.40
CA SER A 270 -4.75 3.73 14.54
C SER A 270 -4.02 3.89 13.21
N TRP A 271 -2.70 3.72 13.24
CA TRP A 271 -1.99 3.69 11.96
C TRP A 271 -2.59 2.64 11.05
N TYR A 272 -3.09 1.54 11.63
CA TYR A 272 -3.63 0.44 10.85
C TYR A 272 -4.80 0.87 9.97
N SER A 273 -5.51 1.95 10.35
CA SER A 273 -6.61 2.45 9.54
C SER A 273 -6.16 2.88 8.15
N TRP A 274 -4.87 3.15 7.96
CA TRP A 274 -4.28 3.46 6.66
C TRP A 274 -3.75 2.22 5.95
N ARG A 275 -4.09 1.02 6.42
CA ARG A 275 -3.41 -0.20 5.94
C ARG A 275 -3.56 -0.39 4.44
N TYR A 276 -4.62 0.14 3.85
CA TYR A 276 -4.82 0.02 2.42
C TYR A 276 -4.11 1.12 1.63
N GLN A 277 -3.74 2.23 2.28
CA GLN A 277 -3.04 3.31 1.62
C GLN A 277 -1.52 3.16 1.69
N ILE A 278 -1.01 2.52 2.72
CA ILE A 278 0.43 2.51 2.96
C ILE A 278 1.14 1.84 1.78
N PRO A 279 0.85 0.56 1.47
CA PRO A 279 1.54 -0.05 0.32
C PRO A 279 1.33 0.68 -0.99
N ALA A 280 0.11 1.11 -1.28
CA ALA A 280 -0.14 1.88 -2.52
C ALA A 280 0.71 3.13 -2.57
N LEU A 281 0.75 3.90 -1.47
CA LEU A 281 1.49 5.16 -1.48
C LEU A 281 2.99 4.91 -1.57
N ALA A 282 3.49 3.89 -0.84
CA ALA A 282 4.88 3.51 -0.99
C ALA A 282 5.18 3.11 -2.43
N GLN A 283 4.30 2.29 -3.02
CA GLN A 283 4.49 1.86 -4.39
C GLN A 283 4.51 3.04 -5.35
N ALA A 284 3.73 4.08 -5.05
CA ALA A 284 3.66 5.23 -5.95
C ALA A 284 4.87 6.13 -5.87
N GLY A 285 5.85 5.81 -5.03
CA GLY A 285 7.05 6.60 -4.92
C GLY A 285 7.13 7.52 -3.71
N TYR A 286 6.46 7.19 -2.62
CA TYR A 286 6.49 8.03 -1.43
C TYR A 286 7.00 7.26 -0.23
N ARG A 287 7.59 7.99 0.70
CA ARG A 287 7.98 7.43 1.99
C ARG A 287 6.84 7.70 2.97
N VAL A 288 6.10 6.67 3.31
CA VAL A 288 4.89 6.81 4.11
C VAL A 288 5.24 6.63 5.57
N LEU A 289 4.77 7.56 6.40
CA LEU A 289 4.89 7.46 7.85
C LEU A 289 3.47 7.43 8.40
N ALA A 290 2.97 6.24 8.66
CA ALA A 290 1.64 6.08 9.28
C ALA A 290 1.81 6.12 10.79
N MET A 291 1.18 7.10 11.40
CA MET A 291 1.40 7.31 12.84
C MET A 291 0.30 6.83 13.75
N ASP A 292 0.70 6.38 14.92
CA ASP A 292 -0.26 6.17 16.00
C ASP A 292 -0.25 7.56 16.61
N MET A 293 -1.36 8.28 16.54
CA MET A 293 -1.42 9.66 17.04
C MET A 293 -1.25 9.65 18.57
N LYS A 294 -0.93 10.82 19.12
CA LYS A 294 -0.81 10.86 20.58
C LYS A 294 -2.08 10.34 21.25
N GLY A 295 -1.89 9.45 22.23
CA GLY A 295 -2.98 8.78 22.92
C GLY A 295 -3.31 7.39 22.43
N TYR A 296 -2.73 6.97 21.31
CA TYR A 296 -3.18 5.77 20.61
C TYR A 296 -2.08 4.74 20.51
N GLY A 297 -2.47 3.48 20.61
CA GLY A 297 -1.59 2.39 20.22
C GLY A 297 -0.31 2.41 21.04
N GLU A 298 0.81 2.32 20.33
CA GLU A 298 2.11 2.31 20.99
C GLU A 298 2.65 3.71 21.20
N SER A 299 1.91 4.74 20.82
CA SER A 299 2.25 6.11 21.18
C SER A 299 1.88 6.34 22.64
N SER A 300 2.62 7.24 23.28
CA SER A 300 2.35 7.55 24.67
C SER A 300 0.95 8.13 24.83
N ALA A 301 0.36 7.91 26.00
CA ALA A 301 -0.99 8.38 26.29
C ALA A 301 -1.01 9.00 27.69
N PRO A 302 -0.39 10.16 27.85
CA PRO A 302 -0.47 10.84 29.14
C PRO A 302 -1.93 11.12 29.50
N PRO A 303 -2.24 11.19 30.80
CA PRO A 303 -3.66 11.32 31.19
C PRO A 303 -4.21 12.73 31.16
N GLU A 304 -3.36 13.76 31.20
CA GLU A 304 -3.83 15.13 31.32
C GLU A 304 -4.48 15.58 30.01
N ILE A 305 -5.56 16.35 30.13
CA ILE A 305 -6.35 16.73 28.97
C ILE A 305 -5.58 17.68 28.07
N GLU A 306 -4.86 18.65 28.65
CA GLU A 306 -4.23 19.68 27.84
C GLU A 306 -3.06 19.16 27.04
N GLU A 307 -2.60 17.93 27.30
CA GLU A 307 -1.66 17.26 26.40
C GLU A 307 -2.26 16.97 25.04
N TYR A 308 -3.56 17.17 24.85
CA TYR A 308 -4.22 16.84 23.60
C TYR A 308 -4.86 18.05 22.92
N CYS A 309 -4.62 19.26 23.40
CA CYS A 309 -5.07 20.38 22.61
C CYS A 309 -4.28 20.44 21.31
N MET A 310 -4.89 21.10 20.31
CA MET A 310 -4.31 21.11 18.98
C MET A 310 -2.92 21.73 18.98
N GLU A 311 -2.72 22.77 19.80
CA GLU A 311 -1.42 23.45 19.84
C GLU A 311 -0.32 22.49 20.27
N VAL A 312 -0.56 21.69 21.32
CA VAL A 312 0.44 20.74 21.76
C VAL A 312 0.59 19.61 20.77
N LEU A 313 -0.51 19.14 20.20
CA LEU A 313 -0.42 18.08 19.20
C LEU A 313 0.41 18.53 18.00
N CYS A 314 0.18 19.76 17.53
CA CYS A 314 0.91 20.26 16.36
C CYS A 314 2.39 20.46 16.65
N LYS A 315 2.74 21.06 17.79
CA LYS A 315 4.15 21.21 18.15
C LYS A 315 4.85 19.85 18.20
N GLU A 316 4.17 18.82 18.73
CA GLU A 316 4.78 17.50 18.80
C GLU A 316 5.02 16.91 17.42
N MET A 317 4.06 17.07 16.49
CA MET A 317 4.28 16.65 15.11
C MET A 317 5.49 17.34 14.51
N VAL A 318 5.66 18.63 14.83
CA VAL A 318 6.82 19.37 14.36
C VAL A 318 8.10 18.80 14.97
N THR A 319 8.08 18.54 16.27
CA THR A 319 9.22 17.88 16.91
C THR A 319 9.48 16.52 16.28
N PHE A 320 8.41 15.83 15.90
CA PHE A 320 8.56 14.53 15.24
C PHE A 320 9.38 14.67 13.98
N LEU A 321 9.05 15.66 13.15
CA LEU A 321 9.83 15.91 11.94
C LEU A 321 11.28 16.29 12.28
N ASP A 322 11.47 17.20 13.25
CA ASP A 322 12.83 17.59 13.63
C ASP A 322 13.65 16.35 13.98
N LYS A 323 13.12 15.51 14.86
CA LYS A 323 13.93 14.39 15.34
C LYS A 323 14.15 13.34 14.26
N LEU A 324 13.29 13.28 13.25
CA LEU A 324 13.54 12.40 12.13
C LEU A 324 14.41 13.05 11.06
N GLY A 325 14.70 14.34 11.20
CA GLY A 325 15.48 15.05 10.21
C GLY A 325 14.75 15.38 8.92
N LEU A 326 13.44 15.61 8.98
CA LEU A 326 12.65 15.98 7.82
C LEU A 326 12.32 17.46 7.89
N SER A 327 12.81 18.25 6.94
CA SER A 327 12.39 19.65 6.92
C SER A 327 10.92 19.78 6.58
N GLN A 328 10.36 18.83 5.84
CA GLN A 328 8.97 18.87 5.43
C GLN A 328 8.39 17.47 5.39
N ALA A 329 7.06 17.42 5.38
CA ALA A 329 6.34 16.22 5.03
C ALA A 329 5.02 16.67 4.41
N VAL A 330 4.45 15.81 3.57
CA VAL A 330 3.05 15.96 3.22
C VAL A 330 2.23 15.43 4.39
N PHE A 331 1.20 16.16 4.77
CA PHE A 331 0.36 15.72 5.87
C PHE A 331 -1.02 15.36 5.33
N ILE A 332 -1.41 14.10 5.50
CA ILE A 332 -2.70 13.59 5.06
C ILE A 332 -3.44 13.12 6.29
N GLY A 333 -4.54 13.78 6.64
CA GLY A 333 -5.29 13.42 7.81
C GLY A 333 -6.69 12.93 7.49
N HIS A 334 -7.31 12.29 8.48
CA HIS A 334 -8.70 11.84 8.42
C HIS A 334 -9.34 12.11 9.77
N ASP A 335 -10.52 12.72 9.76
CA ASP A 335 -11.29 12.92 11.01
C ASP A 335 -10.49 13.88 11.90
N TRP A 336 -10.25 13.56 13.17
CA TRP A 336 -9.43 14.44 14.00
C TRP A 336 -8.06 14.67 13.39
N GLY A 337 -7.51 13.66 12.73
CA GLY A 337 -6.25 13.85 12.03
C GLY A 337 -6.35 14.91 10.94
N GLY A 338 -7.50 14.98 10.27
CA GLY A 338 -7.66 16.00 9.25
C GLY A 338 -7.68 17.39 9.84
N MET A 339 -8.29 17.54 11.01
CA MET A 339 -8.27 18.83 11.69
C MET A 339 -6.84 19.21 12.06
N LEU A 340 -6.07 18.24 12.53
CA LEU A 340 -4.69 18.49 12.92
C LEU A 340 -3.85 18.92 11.72
N VAL A 341 -4.08 18.32 10.54
CA VAL A 341 -3.24 18.65 9.40
C VAL A 341 -3.58 20.05 8.89
N TRP A 342 -4.86 20.44 8.93
CA TRP A 342 -5.18 21.83 8.60
C TRP A 342 -4.41 22.80 9.50
N TYR A 343 -4.37 22.52 10.81
CA TYR A 343 -3.67 23.46 11.69
C TYR A 343 -2.17 23.36 11.52
N MET A 344 -1.64 22.18 11.18
CA MET A 344 -0.26 22.10 10.73
C MET A 344 0.00 23.06 9.57
N ALA A 345 -0.94 23.13 8.61
CA ALA A 345 -0.75 24.02 7.46
C ALA A 345 -0.94 25.48 7.85
N LEU A 346 -1.73 25.75 8.89
CA LEU A 346 -2.01 27.12 9.28
C LEU A 346 -0.90 27.70 10.15
N PHE A 347 -0.21 26.84 10.90
CA PHE A 347 0.77 27.31 11.87
C PHE A 347 2.19 26.94 11.52
N TYR A 348 2.40 25.93 10.66
CA TYR A 348 3.74 25.51 10.29
C TYR A 348 3.83 25.24 8.80
N PRO A 349 3.38 26.17 7.95
CA PRO A 349 3.39 25.91 6.50
C PRO A 349 4.77 25.56 5.95
N GLU A 350 5.85 26.03 6.59
CA GLU A 350 7.18 25.73 6.09
C GLU A 350 7.57 24.26 6.27
N ARG A 351 6.87 23.55 7.15
CA ARG A 351 7.13 22.14 7.40
C ARG A 351 6.15 21.25 6.68
N VAL A 352 5.20 21.83 5.96
CA VAL A 352 4.13 21.08 5.31
C VAL A 352 4.34 21.23 3.81
N ARG A 353 4.67 20.13 3.15
CA ARG A 353 4.83 20.19 1.70
C ARG A 353 3.48 20.40 1.03
N ALA A 354 2.45 19.77 1.56
CA ALA A 354 1.10 19.75 1.05
C ALA A 354 0.23 19.11 2.12
N VAL A 355 -1.04 19.48 2.12
CA VAL A 355 -1.97 19.00 3.13
C VAL A 355 -3.19 18.44 2.42
N ALA A 356 -3.66 17.30 2.89
CA ALA A 356 -4.89 16.70 2.41
C ALA A 356 -5.68 16.25 3.64
N SER A 357 -6.98 16.45 3.59
CA SER A 357 -7.87 15.96 4.62
C SER A 357 -8.96 15.11 3.99
N LEU A 358 -9.25 13.98 4.60
CA LEU A 358 -10.39 13.15 4.23
C LEU A 358 -11.53 13.47 5.20
N ASN A 359 -12.67 13.88 4.65
CA ASN A 359 -13.90 14.10 5.41
C ASN A 359 -13.89 15.41 6.20
N THR A 360 -12.80 15.69 6.90
CA THR A 360 -12.77 16.82 7.82
C THR A 360 -12.54 18.13 7.06
N PRO A 361 -13.51 19.02 7.03
CA PRO A 361 -13.30 20.32 6.39
C PRO A 361 -12.54 21.24 7.31
N PHE A 362 -11.99 22.30 6.72
CA PHE A 362 -11.40 23.36 7.52
C PHE A 362 -12.52 24.34 7.86
N ILE A 363 -12.83 24.45 9.15
CA ILE A 363 -13.88 25.35 9.62
C ILE A 363 -13.22 26.42 10.49
N PRO A 364 -13.06 27.65 10.00
CA PRO A 364 -12.39 28.67 10.79
C PRO A 364 -13.17 28.96 12.08
N ALA A 365 -12.42 29.12 13.16
CA ALA A 365 -13.05 29.45 14.43
C ALA A 365 -13.95 30.67 14.28
N ASN A 366 -15.11 30.62 14.93
CA ASN A 366 -15.98 31.78 15.00
C ASN A 366 -15.64 32.56 16.26
N PRO A 367 -15.03 33.75 16.15
CA PRO A 367 -14.62 34.47 17.36
C PRO A 367 -15.78 35.02 18.19
N ASN A 368 -16.99 35.07 17.64
CA ASN A 368 -18.16 35.58 18.33
C ASN A 368 -19.02 34.47 18.92
N MET A 369 -18.50 33.26 19.03
CA MET A 369 -19.29 32.14 19.49
C MET A 369 -18.37 31.14 20.17
N SER A 370 -18.68 30.81 21.42
CA SER A 370 -17.92 29.77 22.09
C SER A 370 -18.10 28.46 21.31
N PRO A 371 -17.04 27.66 21.21
CA PRO A 371 -17.18 26.38 20.49
C PRO A 371 -18.29 25.50 21.07
N LEU A 372 -18.57 25.64 22.36
CA LEU A 372 -19.64 24.87 22.98
C LEU A 372 -21.00 25.27 22.39
N GLU A 373 -21.24 26.57 22.27
CA GLU A 373 -22.47 27.04 21.63
C GLU A 373 -22.62 26.42 20.25
N SER A 374 -21.56 26.47 19.44
CA SER A 374 -21.66 25.97 18.08
C SER A 374 -21.89 24.46 18.05
N ILE A 375 -21.27 23.73 18.98
CA ILE A 375 -21.51 22.28 19.03
C ILE A 375 -22.96 22.01 19.40
N LYS A 376 -23.50 22.78 20.34
CA LYS A 376 -24.89 22.62 20.74
C LYS A 376 -25.85 22.98 19.60
N ALA A 377 -25.42 23.83 18.68
CA ALA A 377 -26.23 24.22 17.52
C ALA A 377 -26.02 23.31 16.33
N ASN A 378 -25.91 22.01 16.55
CA ASN A 378 -25.87 21.00 15.50
C ASN A 378 -26.21 19.65 16.13
N PRO A 379 -27.41 19.12 15.91
CA PRO A 379 -27.78 17.87 16.59
C PRO A 379 -26.84 16.71 16.31
N VAL A 380 -26.21 16.69 15.13
CA VAL A 380 -25.36 15.54 14.80
C VAL A 380 -24.11 15.51 15.67
N PHE A 381 -23.66 16.67 16.16
CA PHE A 381 -22.50 16.75 17.04
C PHE A 381 -22.85 16.58 18.51
N ASP A 382 -24.08 16.12 18.81
CA ASP A 382 -24.51 15.98 20.20
C ASP A 382 -23.62 15.01 20.95
N TYR A 383 -23.13 13.96 20.28
CA TYR A 383 -22.29 12.97 20.94
C TYR A 383 -21.04 13.61 21.56
N GLN A 384 -20.59 14.74 21.02
CA GLN A 384 -19.37 15.36 21.55
C GLN A 384 -19.57 15.86 22.97
N LEU A 385 -20.75 16.39 23.28
CA LEU A 385 -21.02 16.80 24.66
C LEU A 385 -20.90 15.61 25.60
N TYR A 386 -21.37 14.45 25.16
CA TYR A 386 -21.23 13.23 25.95
C TYR A 386 -19.76 12.90 26.19
N PHE A 387 -18.87 13.27 25.27
CA PHE A 387 -17.45 12.99 25.45
C PHE A 387 -16.77 13.94 26.42
N GLN A 388 -17.46 14.98 26.87
CA GLN A 388 -16.79 16.01 27.67
C GLN A 388 -16.43 15.51 29.05
N GLU A 389 -17.34 14.81 29.72
CA GLU A 389 -17.12 14.46 31.12
C GLU A 389 -16.06 13.36 31.22
N PRO A 390 -14.92 13.63 31.85
CA PRO A 390 -13.89 12.59 31.93
C PRO A 390 -14.43 11.32 32.60
N GLY A 391 -14.22 10.18 31.94
CA GLY A 391 -14.51 8.89 32.51
C GLY A 391 -15.82 8.28 32.04
N VAL A 392 -16.83 9.09 31.73
CA VAL A 392 -18.13 8.56 31.35
C VAL A 392 -18.03 7.77 30.06
N ALA A 393 -17.59 8.43 28.98
CA ALA A 393 -17.50 7.72 27.70
C ALA A 393 -16.40 6.67 27.72
N GLU A 394 -15.32 6.90 28.46
CA GLU A 394 -14.30 5.86 28.63
C GLU A 394 -14.90 4.55 29.10
N ALA A 395 -15.83 4.63 30.06
CA ALA A 395 -16.38 3.43 30.66
C ALA A 395 -17.25 2.66 29.69
N GLU A 396 -18.01 3.38 28.85
CA GLU A 396 -18.84 2.66 27.87
C GLU A 396 -18.00 2.09 26.74
N LEU A 397 -16.99 2.83 26.28
CA LEU A 397 -16.19 2.37 25.15
C LEU A 397 -15.20 1.28 25.55
N GLU A 398 -14.69 1.32 26.77
CA GLU A 398 -13.73 0.32 27.24
C GLU A 398 -14.40 -0.93 27.76
N GLN A 399 -15.72 -0.94 27.93
CA GLN A 399 -16.36 -2.09 28.55
C GLN A 399 -16.24 -3.33 27.68
N ASN A 400 -16.55 -3.21 26.40
CA ASN A 400 -16.48 -4.33 25.45
C ASN A 400 -15.80 -3.82 24.17
N LEU A 401 -14.49 -4.01 24.07
CA LEU A 401 -13.74 -3.42 22.97
C LEU A 401 -14.17 -3.99 21.63
N SER A 402 -14.38 -5.31 21.57
CA SER A 402 -14.87 -5.92 20.34
C SER A 402 -16.17 -5.26 19.89
N ARG A 403 -17.10 -5.07 20.82
CA ARG A 403 -18.39 -4.49 20.45
C ARG A 403 -18.22 -3.03 20.03
N THR A 404 -17.37 -2.28 20.72
CA THR A 404 -17.11 -0.90 20.33
C THR A 404 -16.73 -0.79 18.87
N PHE A 405 -15.72 -1.54 18.42
CA PHE A 405 -15.24 -1.35 17.06
C PHE A 405 -16.13 -2.04 16.03
N LYS A 406 -16.79 -3.14 16.39
CA LYS A 406 -17.79 -3.72 15.51
C LYS A 406 -18.98 -2.77 15.32
N SER A 407 -19.35 -2.04 16.37
CA SER A 407 -20.42 -1.05 16.26
C SER A 407 -19.97 0.19 15.50
N LEU A 408 -18.70 0.59 15.64
CA LEU A 408 -18.24 1.81 14.99
C LEU A 408 -17.91 1.56 13.52
N PHE A 409 -17.07 0.56 13.23
CA PHE A 409 -16.51 0.37 11.89
C PHE A 409 -17.53 -0.33 11.00
N ARG A 410 -18.44 0.47 10.45
CA ARG A 410 -19.54 -0.04 9.64
C ARG A 410 -19.73 0.85 8.43
N ALA A 411 -20.18 0.24 7.35
CA ALA A 411 -20.51 0.97 6.12
C ALA A 411 -21.85 1.69 6.30
N SER A 412 -22.11 2.63 5.38
CA SER A 412 -23.23 3.54 5.53
C SER A 412 -24.56 2.80 5.57
N ASP A 413 -24.68 1.69 4.85
CA ASP A 413 -25.91 0.90 4.86
C ASP A 413 -25.95 -0.16 5.96
N GLU A 414 -25.04 -0.10 6.93
CA GLU A 414 -24.99 -1.08 8.01
C GLU A 414 -25.04 -0.44 9.39
N SER A 415 -25.16 0.88 9.49
CA SER A 415 -24.97 1.57 10.76
C SER A 415 -25.96 1.07 11.80
N VAL A 416 -25.49 1.03 13.05
CA VAL A 416 -26.29 0.69 14.22
C VAL A 416 -26.24 1.80 15.27
N LEU A 417 -25.92 3.03 14.84
CA LEU A 417 -25.63 4.11 15.77
C LEU A 417 -26.31 5.41 15.32
N SER A 418 -26.86 6.14 16.29
CA SER A 418 -27.58 7.40 16.06
C SER A 418 -26.87 8.53 16.80
N MET A 419 -25.91 9.16 16.12
CA MET A 419 -25.03 10.13 16.77
C MET A 419 -25.77 11.34 17.34
N HIS A 420 -27.05 11.51 17.06
CA HIS A 420 -27.74 12.73 17.46
C HIS A 420 -28.55 12.58 18.74
N LYS A 421 -28.73 11.35 19.25
CA LYS A 421 -29.52 11.13 20.45
C LYS A 421 -28.66 10.71 21.64
N VAL A 422 -27.34 10.87 21.54
CA VAL A 422 -26.41 10.21 22.44
C VAL A 422 -26.61 10.67 23.88
N CYS A 423 -26.57 11.98 24.10
CA CYS A 423 -26.74 12.49 25.47
C CYS A 423 -28.07 12.07 26.04
N GLU A 424 -29.17 12.40 25.35
CA GLU A 424 -30.49 12.01 25.82
C GLU A 424 -30.52 10.55 26.23
N ALA A 425 -30.07 9.66 25.34
CA ALA A 425 -30.09 8.24 25.64
C ALA A 425 -29.08 7.84 26.71
N GLY A 426 -28.19 8.75 27.11
CA GLY A 426 -27.19 8.44 28.10
C GLY A 426 -26.05 7.55 27.63
N GLY A 427 -25.85 7.39 26.31
CA GLY A 427 -24.78 6.54 25.82
C GLY A 427 -24.69 6.37 24.31
N LEU A 428 -23.52 5.93 23.84
CA LEU A 428 -23.31 5.74 22.40
C LEU A 428 -23.89 4.42 21.91
N PHE A 429 -23.93 3.40 22.77
CA PHE A 429 -24.37 2.06 22.38
C PHE A 429 -25.68 1.68 23.07
N VAL A 430 -26.38 2.64 23.66
CA VAL A 430 -27.55 2.34 24.47
C VAL A 430 -28.53 1.47 23.70
N ASN A 431 -28.85 1.84 22.46
CA ASN A 431 -29.80 1.11 21.64
C ASN A 431 -29.07 0.35 20.53
N SER A 432 -27.94 -0.26 20.85
CA SER A 432 -27.16 -0.99 19.88
C SER A 432 -26.89 -2.41 20.39
N PRO A 433 -26.67 -3.35 19.48
CA PRO A 433 -26.60 -4.76 19.89
C PRO A 433 -25.39 -5.05 20.77
N GLU A 434 -25.51 -6.10 21.58
CA GLU A 434 -24.39 -6.50 22.43
C GLU A 434 -23.35 -7.26 21.65
N GLU A 435 -23.77 -8.00 20.64
CA GLU A 435 -22.83 -8.71 19.77
C GLU A 435 -23.17 -8.29 18.34
N PRO A 436 -22.72 -7.11 17.88
CA PRO A 436 -23.05 -6.69 16.51
C PRO A 436 -22.43 -7.62 15.49
N SER A 437 -23.06 -7.69 14.33
CA SER A 437 -22.50 -8.43 13.23
C SER A 437 -21.23 -7.75 12.74
N LEU A 438 -20.38 -8.55 12.06
CA LEU A 438 -19.15 -8.04 11.47
C LEU A 438 -19.48 -7.31 10.16
N SER A 439 -19.18 -6.02 10.11
CA SER A 439 -19.35 -5.23 8.90
C SER A 439 -18.62 -5.86 7.72
N ARG A 440 -19.06 -5.57 6.49
CA ARG A 440 -18.37 -6.09 5.31
C ARG A 440 -16.99 -5.45 5.14
N MET A 441 -16.78 -4.25 5.69
CA MET A 441 -15.50 -3.57 5.52
C MET A 441 -14.37 -4.19 6.31
N VAL A 442 -14.66 -5.00 7.34
CA VAL A 442 -13.59 -5.44 8.23
C VAL A 442 -13.67 -6.93 8.45
N THR A 443 -12.52 -7.53 8.70
CA THR A 443 -12.50 -8.92 9.14
C THR A 443 -12.42 -8.98 10.66
N GLU A 444 -12.77 -10.14 11.19
CA GLU A 444 -12.67 -10.33 12.63
C GLU A 444 -11.25 -10.09 13.11
N GLU A 445 -10.27 -10.44 12.28
CA GLU A 445 -8.86 -10.27 12.62
C GLU A 445 -8.51 -8.79 12.70
N GLU A 446 -8.89 -8.01 11.69
CA GLU A 446 -8.67 -6.57 11.74
C GLU A 446 -9.34 -5.97 12.97
N ILE A 447 -10.56 -6.40 13.31
CA ILE A 447 -11.20 -5.91 14.53
C ILE A 447 -10.33 -6.20 15.74
N GLN A 448 -9.79 -7.42 15.81
CA GLN A 448 -8.99 -7.82 16.96
C GLN A 448 -7.70 -7.04 17.05
N PHE A 449 -7.18 -6.55 15.93
CA PHE A 449 -6.00 -5.70 15.99
C PHE A 449 -6.31 -4.42 16.75
N TYR A 450 -7.41 -3.75 16.40
CA TYR A 450 -7.82 -2.56 17.14
C TYR A 450 -8.10 -2.88 18.60
N VAL A 451 -8.74 -4.02 18.87
CA VAL A 451 -9.01 -4.40 20.26
C VAL A 451 -7.70 -4.46 21.05
N GLN A 452 -6.68 -5.11 20.49
CA GLN A 452 -5.39 -5.23 21.15
C GLN A 452 -4.74 -3.86 21.34
N GLN A 453 -4.82 -3.00 20.32
CA GLN A 453 -4.21 -1.68 20.42
C GLN A 453 -4.78 -0.90 21.59
N PHE A 454 -6.11 -0.83 21.69
CA PHE A 454 -6.73 0.00 22.70
C PHE A 454 -6.73 -0.63 24.08
N LYS A 455 -6.30 -1.89 24.19
CA LYS A 455 -5.99 -2.44 25.51
C LYS A 455 -4.77 -1.78 26.13
N LYS A 456 -3.90 -1.20 25.33
CA LYS A 456 -2.69 -0.58 25.87
C LYS A 456 -3.04 0.60 26.77
N SER A 457 -3.91 1.48 26.29
CA SER A 457 -4.18 2.72 27.03
C SER A 457 -5.65 3.09 27.09
N GLY A 458 -6.53 2.35 26.44
CA GLY A 458 -7.92 2.73 26.53
C GLY A 458 -8.19 4.04 25.79
N PHE A 459 -9.30 4.67 26.18
CA PHE A 459 -9.87 5.78 25.43
C PHE A 459 -9.64 7.13 26.08
N ARG A 460 -9.04 7.17 27.26
CA ARG A 460 -8.79 8.47 27.91
C ARG A 460 -8.07 9.42 26.96
N GLY A 461 -6.89 9.01 26.49
CA GLY A 461 -6.10 9.84 25.61
C GLY A 461 -6.87 10.24 24.37
N PRO A 462 -7.44 9.25 23.68
CA PRO A 462 -8.20 9.57 22.46
C PRO A 462 -9.42 10.44 22.73
N LEU A 463 -10.12 10.22 23.84
CA LEU A 463 -11.24 11.10 24.17
C LEU A 463 -10.78 12.49 24.54
N ASN A 464 -9.59 12.61 25.15
CA ASN A 464 -9.07 13.94 25.50
C ASN A 464 -8.95 14.87 24.28
N TRP A 465 -8.88 14.32 23.07
CA TRP A 465 -8.87 15.18 21.88
C TRP A 465 -10.12 16.05 21.81
N TYR A 466 -11.22 15.61 22.41
CA TYR A 466 -12.48 16.33 22.39
C TYR A 466 -12.63 17.33 23.53
N ARG A 467 -11.68 17.38 24.46
CA ARG A 467 -11.88 18.04 25.73
C ARG A 467 -11.08 19.33 25.84
N ASN A 468 -10.64 19.85 24.71
CA ASN A 468 -9.92 21.12 24.62
C ASN A 468 -10.65 22.09 23.71
N MET A 469 -11.99 22.08 23.73
CA MET A 469 -12.76 22.93 22.82
C MET A 469 -12.35 24.39 22.97
N GLU A 470 -12.32 24.89 24.21
CA GLU A 470 -12.00 26.30 24.43
C GLU A 470 -10.55 26.59 24.10
N ARG A 471 -9.62 25.74 24.55
CA ARG A 471 -8.21 25.93 24.24
C ARG A 471 -7.99 25.99 22.74
N ASN A 472 -8.52 25.01 22.01
CA ASN A 472 -8.34 24.97 20.56
C ASN A 472 -8.96 26.21 19.91
N TRP A 473 -10.11 26.63 20.42
CA TRP A 473 -10.77 27.80 19.87
C TRP A 473 -9.89 29.04 20.03
N LYS A 474 -9.37 29.26 21.24
CA LYS A 474 -8.54 30.44 21.49
C LYS A 474 -7.30 30.44 20.60
N TRP A 475 -6.68 29.27 20.42
CA TRP A 475 -5.50 29.17 19.55
C TRP A 475 -5.88 29.36 18.09
N ALA A 476 -6.97 28.74 17.65
CA ALA A 476 -7.38 28.85 16.26
C ALA A 476 -7.71 30.29 15.89
N CYS A 477 -8.27 31.06 16.83
CA CYS A 477 -8.55 32.47 16.56
C CYS A 477 -7.30 33.24 16.17
N LYS A 478 -6.13 32.84 16.67
CA LYS A 478 -4.90 33.56 16.33
C LYS A 478 -4.59 33.48 14.84
N SER A 479 -5.25 32.60 14.10
CA SER A 479 -4.96 32.37 12.69
C SER A 479 -6.00 32.94 11.75
N LEU A 480 -7.00 33.67 12.29
CA LEU A 480 -8.14 34.07 11.48
C LEU A 480 -7.76 35.03 10.37
N GLY A 481 -6.60 35.67 10.47
CA GLY A 481 -6.12 36.54 9.42
C GLY A 481 -5.32 35.85 8.35
N ARG A 482 -5.05 34.55 8.51
CA ARG A 482 -4.24 33.81 7.57
C ARG A 482 -5.09 33.18 6.47
N LYS A 483 -4.41 32.79 5.41
CA LYS A 483 -4.97 31.86 4.44
C LYS A 483 -4.01 30.68 4.32
N ILE A 484 -4.55 29.54 3.91
CA ILE A 484 -3.75 28.38 3.55
C ILE A 484 -3.45 28.50 2.05
N LEU A 485 -2.19 28.71 1.72
CA LEU A 485 -1.76 28.91 0.34
C LEU A 485 -0.77 27.86 -0.13
N ILE A 486 -0.57 26.79 0.64
CA ILE A 486 0.23 25.66 0.18
C ILE A 486 -0.67 24.68 -0.56
N PRO A 487 -0.14 23.69 -1.27
CA PRO A 487 -1.03 22.75 -1.98
C PRO A 487 -1.91 21.99 -0.98
N ALA A 488 -3.18 21.87 -1.33
CA ALA A 488 -4.19 21.44 -0.37
C ALA A 488 -5.30 20.68 -1.09
N LEU A 489 -5.75 19.60 -0.46
CA LEU A 489 -6.75 18.73 -1.03
C LEU A 489 -7.78 18.40 0.04
N MET A 490 -9.05 18.63 -0.30
CA MET A 490 -10.19 18.27 0.53
C MET A 490 -10.92 17.12 -0.16
N VAL A 491 -11.06 15.99 0.53
CA VAL A 491 -11.77 14.84 0.01
C VAL A 491 -13.03 14.65 0.83
N THR A 492 -14.19 14.72 0.16
CA THR A 492 -15.47 14.53 0.81
C THR A 492 -16.00 13.12 0.52
N ALA A 493 -16.83 12.61 1.43
CA ALA A 493 -17.41 11.29 1.31
C ALA A 493 -18.93 11.43 1.38
N GLU A 494 -19.62 10.91 0.36
CA GLU A 494 -21.03 11.23 0.20
C GLU A 494 -21.85 10.87 1.44
N LYS A 495 -21.61 9.69 2.02
CA LYS A 495 -22.49 9.19 3.07
C LYS A 495 -21.86 9.24 4.46
N ASP A 496 -20.94 10.17 4.67
CA ASP A 496 -20.51 10.48 6.03
C ASP A 496 -21.58 11.38 6.63
N PHE A 497 -22.40 10.82 7.52
CA PHE A 497 -23.54 11.57 8.05
C PHE A 497 -23.16 12.47 9.22
N VAL A 498 -21.92 12.43 9.69
CA VAL A 498 -21.46 13.37 10.71
C VAL A 498 -20.70 14.50 10.03
N LEU A 499 -19.63 14.14 9.31
CA LEU A 499 -18.81 15.09 8.55
C LEU A 499 -19.33 15.13 7.13
N VAL A 500 -20.42 15.87 6.92
CA VAL A 500 -21.12 15.85 5.63
C VAL A 500 -20.36 16.71 4.62
N PRO A 501 -20.42 16.38 3.32
CA PRO A 501 -19.72 17.20 2.30
C PRO A 501 -20.07 18.68 2.36
N GLN A 502 -21.33 19.00 2.63
CA GLN A 502 -21.76 20.39 2.69
C GLN A 502 -20.93 21.20 3.70
N MET A 503 -20.42 20.55 4.76
CA MET A 503 -19.65 21.27 5.77
C MET A 503 -18.43 21.95 5.17
N SER A 504 -17.94 21.46 4.04
CA SER A 504 -16.73 21.98 3.42
C SER A 504 -17.02 23.06 2.39
N GLN A 505 -18.28 23.47 2.23
CA GLN A 505 -18.66 24.28 1.07
C GLN A 505 -17.97 25.63 1.05
N HIS A 506 -17.58 26.19 2.19
CA HIS A 506 -16.99 27.52 2.23
C HIS A 506 -15.48 27.51 2.27
N MET A 507 -14.85 26.34 2.08
CA MET A 507 -13.43 26.21 2.37
C MET A 507 -12.56 27.07 1.45
N GLU A 508 -12.99 27.27 0.21
CA GLU A 508 -12.20 28.04 -0.73
C GLU A 508 -12.00 29.48 -0.28
N ASP A 509 -12.86 29.98 0.62
CA ASP A 509 -12.64 31.32 1.17
C ASP A 509 -11.32 31.41 1.93
N TRP A 510 -10.87 30.30 2.52
CA TRP A 510 -9.62 30.26 3.28
C TRP A 510 -8.53 29.49 2.56
N ILE A 511 -8.89 28.68 1.57
CA ILE A 511 -7.91 27.89 0.82
C ILE A 511 -8.19 28.13 -0.66
N PRO A 512 -7.77 29.27 -1.22
CA PRO A 512 -8.25 29.65 -2.56
C PRO A 512 -7.96 28.60 -3.62
N HIS A 513 -6.75 28.02 -3.59
CA HIS A 513 -6.33 27.03 -4.57
C HIS A 513 -6.64 25.61 -4.14
N LEU A 514 -7.55 25.44 -3.18
CA LEU A 514 -7.97 24.11 -2.75
C LEU A 514 -8.33 23.21 -3.93
N LYS A 515 -7.83 21.99 -3.89
CA LYS A 515 -8.25 20.93 -4.79
C LYS A 515 -9.20 19.99 -4.03
N ARG A 516 -10.09 19.35 -4.77
CA ARG A 516 -11.15 18.57 -4.14
C ARG A 516 -11.20 17.19 -4.74
N GLY A 517 -11.64 16.25 -3.92
CA GLY A 517 -12.03 14.94 -4.38
C GLY A 517 -13.34 14.56 -3.71
N HIS A 518 -14.10 13.73 -4.39
CA HIS A 518 -15.37 13.28 -3.85
C HIS A 518 -15.47 11.78 -4.04
N ILE A 519 -15.95 11.09 -3.01
CA ILE A 519 -16.15 9.65 -3.07
C ILE A 519 -17.61 9.35 -2.77
N GLU A 520 -18.28 8.69 -3.72
CA GLU A 520 -19.68 8.35 -3.56
C GLU A 520 -19.84 7.02 -2.85
N ASP A 521 -20.98 6.87 -2.19
CA ASP A 521 -21.32 5.64 -1.46
C ASP A 521 -20.23 5.33 -0.43
N CYS A 522 -19.72 6.37 0.21
CA CYS A 522 -18.62 6.25 1.17
C CYS A 522 -19.04 6.85 2.49
N GLY A 523 -18.95 6.06 3.55
CA GLY A 523 -19.27 6.50 4.89
C GLY A 523 -18.11 7.22 5.57
N HIS A 524 -18.18 7.29 6.89
CA HIS A 524 -17.17 8.00 7.67
C HIS A 524 -15.79 7.35 7.58
N TRP A 525 -15.72 6.03 7.49
CA TRP A 525 -14.45 5.29 7.56
C TRP A 525 -13.88 5.14 6.15
N THR A 526 -13.47 6.28 5.60
CA THR A 526 -13.25 6.40 4.17
C THR A 526 -12.15 5.48 3.68
N GLN A 527 -11.08 5.29 4.47
CA GLN A 527 -9.92 4.56 3.98
C GLN A 527 -10.20 3.07 3.80
N MET A 528 -11.02 2.49 4.67
CA MET A 528 -11.35 1.09 4.54
C MET A 528 -12.68 0.86 3.82
N ASP A 529 -13.46 1.91 3.67
CA ASP A 529 -14.72 1.84 2.94
C ASP A 529 -14.45 1.85 1.44
N LYS A 530 -13.75 2.86 0.96
CA LYS A 530 -13.41 3.01 -0.47
C LYS A 530 -11.90 3.11 -0.66
N PRO A 531 -11.14 2.11 -0.20
CA PRO A 531 -9.67 2.22 -0.26
C PRO A 531 -9.15 2.46 -1.67
N THR A 532 -9.72 1.78 -2.66
CA THR A 532 -9.22 1.91 -4.02
C THR A 532 -9.42 3.32 -4.53
N GLU A 533 -10.55 3.95 -4.18
CA GLU A 533 -10.81 5.31 -4.63
C GLU A 533 -9.94 6.29 -3.87
N VAL A 534 -9.81 6.12 -2.55
CA VAL A 534 -8.89 6.95 -1.79
C VAL A 534 -7.52 6.93 -2.44
N ASN A 535 -6.98 5.72 -2.66
CA ASN A 535 -5.62 5.63 -3.20
C ASN A 535 -5.48 6.32 -4.56
N GLN A 536 -6.53 6.29 -5.38
CA GLN A 536 -6.45 6.95 -6.68
C GLN A 536 -6.42 8.46 -6.51
N ILE A 537 -7.33 8.99 -5.70
CA ILE A 537 -7.38 10.43 -5.45
C ILE A 537 -6.08 10.90 -4.83
N LEU A 538 -5.65 10.23 -3.75
CA LEU A 538 -4.44 10.65 -3.07
C LEU A 538 -3.24 10.58 -3.99
N ILE A 539 -3.10 9.47 -4.71
CA ILE A 539 -1.88 9.29 -5.50
C ILE A 539 -1.85 10.28 -6.66
N LYS A 540 -2.99 10.50 -7.31
CA LYS A 540 -3.04 11.50 -8.35
C LYS A 540 -2.68 12.87 -7.79
N TRP A 541 -3.26 13.24 -6.65
CA TRP A 541 -2.97 14.54 -6.07
C TRP A 541 -1.51 14.65 -5.69
N LEU A 542 -0.95 13.61 -5.08
CA LEU A 542 0.46 13.65 -4.72
C LEU A 542 1.32 13.95 -5.94
N ASP A 543 1.13 13.16 -7.00
CA ASP A 543 2.02 13.29 -8.15
C ASP A 543 1.92 14.68 -8.79
N SER A 544 0.77 15.34 -8.68
CA SER A 544 0.61 16.63 -9.31
C SER A 544 0.93 17.82 -8.41
N ASP A 545 0.92 17.63 -7.08
CA ASP A 545 1.02 18.76 -6.15
C ASP A 545 2.06 18.60 -5.07
N ALA A 546 2.52 17.38 -4.76
CA ALA A 546 3.52 17.18 -3.73
C ALA A 546 4.86 16.73 -4.26
N ARG A 547 4.96 16.34 -5.52
CA ARG A 547 6.21 15.83 -6.08
C ARG A 547 6.80 16.83 -7.05
N ASN A 548 8.10 16.70 -7.27
CA ASN A 548 8.83 17.64 -8.13
C ASN A 548 9.53 16.93 -9.28
#